data_6VOQ
#
_entry.id   6VOQ
#
_cell.length_a   76.436
_cell.length_b   76.436
_cell.length_c   181.682
_cell.angle_alpha   90.000
_cell.angle_beta   90.000
_cell.angle_gamma   90.000
#
_symmetry.space_group_name_H-M   'I 4 2 2'
#
loop_
_entity.id
_entity.type
_entity.pdbx_description
1 polymer Aldolase
2 non-polymer 'ZINC ION'
3 non-polymer 'CHLORIDE ION'
4 water water
#
_entity_poly.entity_id   1
_entity_poly.type   'polypeptide(L)'
_entity_poly.pdbx_seq_one_letter_code
;GMTEQQLREEMVQIGASLFSRGYATGSAGNLSLLLPDGNLLATPTGACLGELQAQRLSVVTLQGEWISGDKPSKEVTFHR
AVYLHNPACKAIVHLHSHYLTALSCLQGLDPHNCIRPFTPYVVMRVGDVPVVPYYRPGDDRIAQALAGLAPRYNAFLLAN
HGPVVTGSSLREATNNTEELEETARLIFTLGNREIRYLTADEVKELR
;
_entity_poly.pdbx_strand_id   A
#
# COMPACT_ATOMS: atom_id res chain seq x y z
N GLY A 1 4.92 12.75 17.94
CA GLY A 1 4.96 11.30 18.07
C GLY A 1 3.68 10.76 18.67
N MET A 2 3.11 9.75 18.02
CA MET A 2 1.87 9.11 18.46
C MET A 2 2.18 7.90 19.34
N THR A 3 1.32 7.69 20.35
CA THR A 3 1.43 6.52 21.23
C THR A 3 0.71 5.32 20.65
N GLU A 4 0.96 4.15 21.25
CA GLU A 4 0.31 2.93 20.80
C GLU A 4 -1.21 3.03 20.91
N GLN A 5 -1.72 3.69 21.95
CA GLN A 5 -3.15 4.01 22.03
C GLN A 5 -3.62 4.62 20.73
N GLN A 6 -3.06 5.78 20.39
CA GLN A 6 -3.54 6.52 19.23
C GLN A 6 -3.24 5.78 17.93
N LEU A 7 -2.14 5.03 17.89
CA LEU A 7 -1.81 4.27 16.69
C LEU A 7 -2.81 3.14 16.48
N ARG A 8 -3.13 2.39 17.53
CA ARG A 8 -4.19 1.38 17.42
C ARG A 8 -5.50 2.05 17.03
N GLU A 9 -5.79 3.18 17.64
CA GLU A 9 -6.99 3.96 17.33
C GLU A 9 -7.02 4.40 15.86
N GLU A 10 -5.92 5.02 15.40
CA GLU A 10 -5.82 5.47 14.02
C GLU A 10 -6.03 4.32 13.04
N MET A 11 -5.49 3.14 13.35
CA MET A 11 -5.63 2.01 12.44
C MET A 11 -7.07 1.58 12.31
N VAL A 12 -7.80 1.47 13.42
CA VAL A 12 -9.22 1.15 13.37
C VAL A 12 -9.99 2.19 12.57
N GLN A 13 -9.76 3.48 12.85
CA GLN A 13 -10.50 4.53 12.18
C GLN A 13 -10.21 4.52 10.69
N ILE A 14 -8.93 4.43 10.33
CA ILE A 14 -8.57 4.44 8.93
C ILE A 14 -9.17 3.24 8.22
N GLY A 15 -9.15 2.07 8.85
CA GLY A 15 -9.81 0.90 8.28
C GLY A 15 -11.29 1.16 7.99
N ALA A 16 -12.00 1.71 8.96
CA ALA A 16 -13.43 1.98 8.78
C ALA A 16 -13.68 2.98 7.67
N SER A 17 -12.83 4.01 7.58
CA SER A 17 -12.96 5.02 6.53
C SER A 17 -12.74 4.42 5.15
N LEU A 18 -11.76 3.52 5.03
CA LEU A 18 -11.50 2.86 3.76
C LEU A 18 -12.62 1.90 3.40
N PHE A 19 -13.17 1.19 4.40
CA PHE A 19 -14.23 0.24 4.10
C PHE A 19 -15.52 0.93 3.73
N SER A 20 -15.92 1.95 4.49
CA SER A 20 -17.19 2.60 4.20
C SER A 20 -17.18 3.30 2.86
N ARG A 21 -16.01 3.73 2.39
CA ARG A 21 -15.91 4.47 1.14
C ARG A 21 -15.52 3.60 -0.04
N GLY A 22 -15.49 2.29 0.12
CA GLY A 22 -15.38 1.39 -1.01
C GLY A 22 -13.98 0.99 -1.41
N TYR A 23 -12.96 1.55 -0.76
CA TYR A 23 -11.58 1.17 -1.06
C TYR A 23 -11.29 -0.26 -0.65
N ALA A 24 -11.96 -0.77 0.37
CA ALA A 24 -11.83 -2.17 0.78
C ALA A 24 -13.20 -2.82 0.80
N THR A 25 -13.28 -4.04 0.29
CA THR A 25 -14.50 -4.83 0.30
C THR A 25 -14.24 -6.19 0.90
N GLY A 26 -15.18 -6.66 1.70
CA GLY A 26 -15.09 -8.03 2.20
C GLY A 26 -13.90 -8.22 3.12
N SER A 27 -13.16 -9.30 2.88
CA SER A 27 -12.00 -9.67 3.69
C SER A 27 -10.69 -9.11 3.16
N ALA A 28 -10.73 -8.27 2.12
CA ALA A 28 -9.52 -7.85 1.42
C ALA A 28 -8.87 -6.64 2.10
N GLY A 29 -7.54 -6.66 2.12
CA GLY A 29 -6.79 -5.51 2.56
C GLY A 29 -6.19 -5.71 3.93
N ASN A 30 -5.10 -4.99 4.19
CA ASN A 30 -4.49 -4.99 5.50
C ASN A 30 -3.67 -3.72 5.68
N LEU A 31 -3.48 -3.34 6.94
CA LEU A 31 -2.74 -2.15 7.31
C LEU A 31 -1.63 -2.54 8.26
N SER A 32 -0.50 -1.85 8.17
CA SER A 32 0.55 -2.00 9.17
C SER A 32 1.20 -0.65 9.43
N LEU A 33 1.79 -0.52 10.62
CA LEU A 33 2.54 0.68 10.98
C LEU A 33 3.60 0.32 12.02
N LEU A 34 4.72 1.03 11.96
CA LEU A 34 5.80 0.83 12.91
C LEU A 34 5.45 1.43 14.27
N LEU A 35 5.61 0.65 15.31
CA LEU A 35 5.42 1.13 16.67
C LEU A 35 6.69 1.81 17.16
N PRO A 36 6.58 2.59 18.24
CA PRO A 36 7.79 3.24 18.79
C PRO A 36 8.93 2.29 19.11
N ASP A 37 8.63 1.06 19.53
CA ASP A 37 9.67 0.10 19.90
C ASP A 37 10.23 -0.65 18.69
N GLY A 38 9.89 -0.24 17.48
CA GLY A 38 10.36 -0.91 16.30
C GLY A 38 9.55 -2.11 15.87
N ASN A 39 8.58 -2.54 16.65
CA ASN A 39 7.71 -3.63 16.24
C ASN A 39 6.62 -3.11 15.31
N LEU A 40 5.89 -4.05 14.73
CA LEU A 40 4.89 -3.76 13.71
C LEU A 40 3.50 -3.99 14.27
N LEU A 41 2.65 -2.97 14.17
CA LEU A 41 1.22 -3.13 14.43
C LEU A 41 0.55 -3.43 13.09
N ALA A 42 -0.32 -4.44 13.07
CA ALA A 42 -0.91 -4.87 11.81
C ALA A 42 -2.33 -5.36 12.05
N THR A 43 -3.13 -5.33 11.00
CA THR A 43 -4.49 -5.84 11.07
C THR A 43 -4.46 -7.37 11.07
N PRO A 44 -5.30 -8.01 11.87
CA PRO A 44 -5.18 -9.46 12.05
C PRO A 44 -5.69 -10.22 10.84
N THR A 45 -5.42 -11.53 10.86
CA THR A 45 -5.83 -12.41 9.77
C THR A 45 -7.36 -12.48 9.68
N GLY A 46 -7.85 -12.76 8.47
CA GLY A 46 -9.28 -12.93 8.24
C GLY A 46 -10.13 -11.79 8.74
N ALA A 47 -9.54 -10.61 8.81
CA ALA A 47 -10.20 -9.43 9.35
C ALA A 47 -10.89 -8.64 8.25
N CYS A 48 -11.85 -7.83 8.68
CA CYS A 48 -12.58 -6.91 7.81
C CYS A 48 -12.26 -5.49 8.27
N LEU A 49 -11.72 -4.68 7.37
CA LEU A 49 -11.22 -3.36 7.75
C LEU A 49 -12.29 -2.48 8.39
N GLY A 50 -13.56 -2.74 8.12
CA GLY A 50 -14.60 -2.00 8.80
C GLY A 50 -14.99 -2.51 10.15
N GLU A 51 -14.37 -3.58 10.63
CA GLU A 51 -14.73 -4.22 11.90
C GLU A 51 -13.50 -4.49 12.76
N LEU A 52 -12.49 -3.62 12.70
CA LEU A 52 -11.27 -3.82 13.46
C LEU A 52 -11.50 -3.54 14.95
N GLN A 53 -10.73 -4.22 15.79
CA GLN A 53 -10.75 -4.03 17.24
C GLN A 53 -9.37 -3.59 17.69
N ALA A 54 -9.27 -2.36 18.21
CA ALA A 54 -7.99 -1.81 18.60
C ALA A 54 -7.23 -2.77 19.51
N GLN A 55 -7.96 -3.39 20.43
CA GLN A 55 -7.37 -4.21 21.45
C GLN A 55 -6.74 -5.48 20.91
N ARG A 56 -7.14 -5.95 19.74
CA ARG A 56 -6.71 -7.24 19.22
C ARG A 56 -5.89 -7.12 17.93
N LEU A 57 -5.52 -5.91 17.55
CA LEU A 57 -4.63 -5.75 16.41
C LEU A 57 -3.31 -6.46 16.68
N SER A 58 -2.78 -7.10 15.66
CA SER A 58 -1.57 -7.89 15.82
C SER A 58 -0.36 -7.01 16.04
N VAL A 59 0.59 -7.54 16.81
CA VAL A 59 1.92 -6.95 16.93
C VAL A 59 2.93 -8.05 16.61
N VAL A 60 3.82 -7.78 15.66
CA VAL A 60 4.82 -8.72 15.20
C VAL A 60 6.14 -7.96 15.04
N THR A 61 7.26 -8.66 15.24
CA THR A 61 8.57 -8.10 14.95
C THR A 61 8.80 -8.11 13.45
N LEU A 62 9.71 -7.24 12.99
CA LEU A 62 10.03 -7.18 11.57
C LEU A 62 10.60 -8.51 11.06
N GLN A 63 11.09 -9.37 11.95
CA GLN A 63 11.62 -10.67 11.55
C GLN A 63 10.57 -11.77 11.59
N GLY A 64 9.31 -11.43 11.90
CA GLY A 64 8.20 -12.35 11.79
C GLY A 64 7.71 -12.99 13.09
N GLU A 65 8.23 -12.58 14.24
CA GLU A 65 7.82 -13.17 15.50
C GLU A 65 6.54 -12.50 15.99
N TRP A 66 5.52 -13.30 16.26
CA TRP A 66 4.22 -12.82 16.71
C TRP A 66 4.25 -12.42 18.19
N ILE A 67 3.91 -11.16 18.50
CA ILE A 67 4.11 -10.58 19.83
C ILE A 67 2.84 -10.38 20.65
N SER A 68 1.79 -9.78 20.07
CA SER A 68 0.56 -9.63 20.81
C SER A 68 -0.60 -9.66 19.80
N GLY A 69 -1.83 -9.81 20.31
CA GLY A 69 -3.00 -9.64 19.49
C GLY A 69 -3.34 -10.91 18.73
N ASP A 70 -4.33 -10.78 17.84
CA ASP A 70 -4.66 -11.91 16.97
C ASP A 70 -3.50 -12.18 16.02
N LYS A 71 -3.49 -13.38 15.45
CA LYS A 71 -2.44 -13.73 14.50
C LYS A 71 -2.48 -12.73 13.35
N PRO A 72 -1.33 -12.23 12.90
CA PRO A 72 -1.35 -11.20 11.85
C PRO A 72 -1.89 -11.74 10.54
N SER A 73 -2.32 -10.81 9.69
CA SER A 73 -2.63 -11.12 8.30
C SER A 73 -1.45 -11.85 7.67
N LYS A 74 -1.76 -12.85 6.83
CA LYS A 74 -0.69 -13.55 6.12
C LYS A 74 0.08 -12.63 5.18
N GLU A 75 -0.53 -11.54 4.71
CA GLU A 75 0.16 -10.63 3.81
C GLU A 75 1.11 -9.69 4.53
N VAL A 76 1.12 -9.72 5.87
CA VAL A 76 2.09 -8.93 6.63
C VAL A 76 3.51 -9.40 6.33
N THR A 77 3.66 -10.64 5.85
CA THR A 77 4.95 -11.13 5.39
C THR A 77 5.61 -10.17 4.41
N PHE A 78 4.87 -9.69 3.40
CA PHE A 78 5.52 -8.79 2.46
C PHE A 78 5.43 -7.33 2.89
N HIS A 79 4.60 -7.00 3.87
CA HIS A 79 4.75 -5.73 4.57
C HIS A 79 6.14 -5.61 5.17
N ARG A 80 6.56 -6.63 5.92
CA ARG A 80 7.85 -6.61 6.61
C ARG A 80 9.00 -6.45 5.62
N ALA A 81 8.93 -7.13 4.48
CA ALA A 81 9.99 -7.00 3.47
C ALA A 81 10.23 -5.53 3.11
N VAL A 82 9.16 -4.73 3.02
CA VAL A 82 9.33 -3.31 2.71
C VAL A 82 10.04 -2.59 3.85
N TYR A 83 9.54 -2.77 5.08
CA TYR A 83 10.14 -2.12 6.24
C TYR A 83 11.62 -2.43 6.35
N LEU A 84 12.00 -3.69 6.10
CA LEU A 84 13.37 -4.14 6.28
C LEU A 84 14.33 -3.57 5.24
N HIS A 85 13.82 -2.87 4.21
CA HIS A 85 14.68 -2.30 3.19
C HIS A 85 14.29 -0.87 2.85
N ASN A 86 13.64 -0.18 3.78
CA ASN A 86 13.34 1.24 3.63
C ASN A 86 13.10 1.85 4.99
N PRO A 87 14.09 2.48 5.61
CA PRO A 87 13.86 3.04 6.96
C PRO A 87 12.91 4.23 6.94
N ALA A 88 12.62 4.81 5.78
CA ALA A 88 11.65 5.91 5.72
C ALA A 88 10.22 5.42 5.81
N CYS A 89 10.00 4.12 5.67
CA CYS A 89 8.64 3.56 5.63
C CYS A 89 8.17 3.30 7.05
N LYS A 90 7.14 4.03 7.49
CA LYS A 90 6.59 3.87 8.83
C LYS A 90 5.21 3.25 8.85
N ALA A 91 4.61 3.04 7.68
CA ALA A 91 3.25 2.52 7.58
C ALA A 91 3.02 2.07 6.16
N ILE A 92 2.24 1.01 6.01
CA ILE A 92 1.94 0.39 4.74
C ILE A 92 0.45 0.16 4.65
N VAL A 93 -0.14 0.55 3.53
CA VAL A 93 -1.54 0.29 3.23
C VAL A 93 -1.56 -0.66 2.04
N HIS A 94 -2.16 -1.82 2.23
CA HIS A 94 -2.38 -2.76 1.15
C HIS A 94 -3.87 -2.93 0.94
N LEU A 95 -4.34 -2.67 -0.27
CA LEU A 95 -5.74 -2.80 -0.61
C LEU A 95 -5.85 -3.50 -1.96
N HIS A 96 -7.05 -4.04 -2.21
CA HIS A 96 -7.42 -4.44 -3.57
C HIS A 96 -8.32 -3.38 -4.18
N SER A 97 -7.94 -2.11 -4.05
CA SER A 97 -8.81 -1.03 -4.53
C SER A 97 -9.00 -1.17 -6.03
N HIS A 98 -10.21 -0.83 -6.50
CA HIS A 98 -10.71 -1.39 -7.74
C HIS A 98 -9.82 -1.04 -8.92
N TYR A 99 -9.55 0.24 -9.14
CA TYR A 99 -8.85 0.66 -10.34
C TYR A 99 -7.37 0.34 -10.29
N LEU A 100 -6.75 0.38 -9.11
CA LEU A 100 -5.36 -0.04 -9.03
C LEU A 100 -5.24 -1.54 -9.25
N THR A 101 -6.21 -2.32 -8.76
CA THR A 101 -6.23 -3.76 -9.04
C THR A 101 -6.48 -4.01 -10.53
N ALA A 102 -7.40 -3.26 -11.13
CA ALA A 102 -7.65 -3.37 -12.56
C ALA A 102 -6.37 -3.12 -13.33
N LEU A 103 -5.73 -1.99 -13.07
CA LEU A 103 -4.44 -1.68 -13.68
C LEU A 103 -3.45 -2.83 -13.50
N SER A 104 -3.53 -3.54 -12.36
CA SER A 104 -2.56 -4.60 -12.09
C SER A 104 -2.81 -5.85 -12.92
N CYS A 105 -4.00 -5.99 -13.52
CA CYS A 105 -4.33 -7.14 -14.36
C CYS A 105 -4.07 -6.89 -15.83
N LEU A 106 -3.55 -5.73 -16.20
CA LEU A 106 -3.36 -5.42 -17.62
C LEU A 106 -2.06 -6.03 -18.14
N GLN A 107 -2.06 -6.33 -19.42
CA GLN A 107 -0.87 -6.79 -20.11
C GLN A 107 -0.07 -5.59 -20.59
N GLY A 108 1.25 -5.75 -20.67
CA GLY A 108 2.09 -4.71 -21.23
C GLY A 108 2.38 -3.53 -20.32
N LEU A 109 2.16 -3.67 -19.01
CA LEU A 109 2.51 -2.60 -18.08
C LEU A 109 4.02 -2.35 -18.08
N ASP A 110 4.40 -1.09 -17.99
CA ASP A 110 5.80 -0.75 -17.75
C ASP A 110 6.19 -1.24 -16.36
N PRO A 111 7.06 -2.24 -16.22
CA PRO A 111 7.34 -2.79 -14.89
C PRO A 111 8.09 -1.85 -13.96
N HIS A 112 8.69 -0.80 -14.49
CA HIS A 112 9.39 0.17 -13.66
C HIS A 112 8.55 1.39 -13.31
N ASN A 113 7.49 1.65 -14.06
CA ASN A 113 6.73 2.89 -13.88
C ASN A 113 5.41 2.69 -14.62
N CYS A 114 4.42 2.14 -13.93
CA CYS A 114 3.19 1.73 -14.57
C CYS A 114 2.17 2.85 -14.71
N ILE A 115 2.40 3.99 -14.08
CA ILE A 115 1.48 5.11 -14.17
C ILE A 115 2.17 6.23 -14.94
N ARG A 116 1.72 6.46 -16.16
CA ARG A 116 2.19 7.57 -16.98
C ARG A 116 1.50 8.85 -16.54
N PRO A 117 2.22 9.82 -15.98
CA PRO A 117 1.57 10.91 -15.24
C PRO A 117 0.89 11.93 -16.15
N PHE A 118 -0.39 12.20 -15.84
CA PHE A 118 -1.16 13.32 -16.39
C PHE A 118 -1.67 14.25 -15.31
N THR A 119 -1.33 14.00 -14.04
CA THR A 119 -1.59 14.88 -12.91
C THR A 119 -0.35 14.89 -12.07
N PRO A 120 -0.05 16.00 -11.37
CA PRO A 120 1.24 16.14 -10.69
C PRO A 120 1.35 15.39 -9.37
N TYR A 121 0.24 14.96 -8.77
CA TYR A 121 0.25 14.64 -7.35
C TYR A 121 0.88 13.28 -7.05
N VAL A 122 0.70 12.30 -7.92
CA VAL A 122 1.38 11.02 -7.71
C VAL A 122 2.89 11.19 -7.83
N VAL A 123 3.33 12.06 -8.73
CA VAL A 123 4.77 12.30 -8.90
C VAL A 123 5.35 12.97 -7.65
N MET A 124 4.62 13.94 -7.10
CA MET A 124 5.15 14.70 -5.97
C MET A 124 5.24 13.82 -4.74
N ARG A 125 4.20 13.04 -4.47
CA ARG A 125 4.09 12.37 -3.19
C ARG A 125 4.51 10.91 -3.23
N VAL A 126 4.49 10.27 -4.40
CA VAL A 126 4.77 8.85 -4.44
C VAL A 126 6.00 8.58 -5.31
N GLY A 127 5.97 9.10 -6.52
CA GLY A 127 7.00 8.80 -7.50
C GLY A 127 6.57 7.65 -8.41
N ASP A 128 7.56 7.01 -9.01
CA ASP A 128 7.28 5.90 -9.92
C ASP A 128 6.74 4.71 -9.14
N VAL A 129 5.93 3.91 -9.83
CA VAL A 129 5.31 2.73 -9.25
C VAL A 129 5.72 1.49 -10.03
N PRO A 130 6.61 0.66 -9.49
CA PRO A 130 6.99 -0.58 -10.18
C PRO A 130 5.91 -1.65 -10.07
N VAL A 131 6.07 -2.68 -10.89
CA VAL A 131 5.11 -3.77 -10.97
C VAL A 131 5.81 -5.06 -10.58
N VAL A 132 5.20 -5.78 -9.64
CA VAL A 132 5.70 -7.08 -9.23
C VAL A 132 4.95 -8.11 -10.04
N PRO A 133 5.62 -9.09 -10.65
CA PRO A 133 4.89 -10.14 -11.38
C PRO A 133 3.90 -10.85 -10.47
N TYR A 134 2.91 -11.48 -11.11
CA TYR A 134 1.93 -12.26 -10.37
C TYR A 134 2.59 -13.54 -9.87
N TYR A 135 2.31 -13.87 -8.61
CA TYR A 135 2.69 -15.13 -8.01
C TYR A 135 1.55 -15.60 -7.11
N ARG A 136 1.43 -16.92 -6.98
CA ARG A 136 0.45 -17.50 -6.08
C ARG A 136 0.49 -16.78 -4.73
N PRO A 137 -0.66 -16.44 -4.16
CA PRO A 137 -0.66 -15.81 -2.82
C PRO A 137 0.09 -16.65 -1.80
N GLY A 138 0.97 -15.99 -1.05
CA GLY A 138 1.84 -16.66 -0.11
C GLY A 138 3.21 -17.00 -0.66
N ASP A 139 3.44 -16.82 -1.96
CA ASP A 139 4.74 -17.10 -2.55
C ASP A 139 5.80 -16.17 -1.98
N ASP A 140 6.95 -16.75 -1.58
CA ASP A 140 8.02 -15.92 -1.04
C ASP A 140 8.58 -14.95 -2.07
N ARG A 141 8.43 -15.24 -3.36
CA ARG A 141 8.88 -14.31 -4.39
C ARG A 141 8.19 -12.96 -4.31
N ILE A 142 7.00 -12.90 -3.73
CA ILE A 142 6.34 -11.60 -3.58
C ILE A 142 7.16 -10.72 -2.65
N ALA A 143 7.38 -11.19 -1.42
CA ALA A 143 8.23 -10.47 -0.47
C ALA A 143 9.63 -10.22 -1.02
N GLN A 144 10.19 -11.16 -1.78
CA GLN A 144 11.53 -10.96 -2.32
C GLN A 144 11.55 -9.78 -3.27
N ALA A 145 10.57 -9.71 -4.17
CA ALA A 145 10.50 -8.60 -5.11
C ALA A 145 10.34 -7.27 -4.39
N LEU A 146 9.46 -7.23 -3.38
CA LEU A 146 9.25 -6.01 -2.62
C LEU A 146 10.50 -5.57 -1.86
N ALA A 147 11.21 -6.51 -1.25
CA ALA A 147 12.45 -6.14 -0.56
C ALA A 147 13.44 -5.48 -1.51
N GLY A 148 13.54 -5.98 -2.74
CA GLY A 148 14.47 -5.40 -3.70
C GLY A 148 14.03 -4.06 -4.24
N LEU A 149 12.72 -3.82 -4.30
CA LEU A 149 12.20 -2.55 -4.81
C LEU A 149 12.09 -1.50 -3.72
N ALA A 150 11.91 -1.91 -2.47
CA ALA A 150 11.62 -0.98 -1.39
C ALA A 150 12.63 0.17 -1.24
N PRO A 151 13.94 -0.01 -1.49
CA PRO A 151 14.85 1.13 -1.29
C PRO A 151 14.67 2.25 -2.30
N ARG A 152 13.97 2.01 -3.40
CA ARG A 152 13.85 3.00 -4.45
C ARG A 152 12.42 3.44 -4.74
N TYR A 153 11.42 2.74 -4.21
CA TYR A 153 10.05 3.06 -4.57
C TYR A 153 9.18 3.11 -3.32
N ASN A 154 8.25 4.06 -3.30
CA ASN A 154 7.38 4.24 -2.15
C ASN A 154 6.04 3.52 -2.30
N ALA A 155 5.75 2.95 -3.45
CA ALA A 155 4.55 2.17 -3.67
C ALA A 155 4.84 1.14 -4.74
N PHE A 156 4.02 0.10 -4.79
CA PHE A 156 4.27 -1.07 -5.63
C PHE A 156 2.95 -1.64 -6.10
N LEU A 157 2.91 -2.08 -7.35
CA LEU A 157 1.71 -2.71 -7.89
C LEU A 157 2.01 -4.19 -8.06
N LEU A 158 1.34 -5.03 -7.26
CA LEU A 158 1.40 -6.47 -7.41
C LEU A 158 0.47 -6.88 -8.54
N ALA A 159 1.04 -7.42 -9.62
CA ALA A 159 0.24 -7.78 -10.78
C ALA A 159 -0.86 -8.76 -10.38
N ASN A 160 -2.03 -8.64 -11.01
CA ASN A 160 -3.17 -9.50 -10.75
C ASN A 160 -3.51 -9.55 -9.26
N HIS A 161 -3.43 -8.40 -8.59
CA HIS A 161 -3.55 -8.41 -7.15
C HIS A 161 -4.00 -7.05 -6.63
N GLY A 162 -3.08 -6.10 -6.54
CA GLY A 162 -3.39 -4.78 -6.03
C GLY A 162 -2.19 -4.00 -5.51
N PRO A 163 -2.44 -2.78 -5.02
CA PRO A 163 -1.35 -1.90 -4.60
C PRO A 163 -0.84 -2.18 -3.19
N VAL A 164 0.43 -1.84 -2.98
CA VAL A 164 1.08 -1.82 -1.68
C VAL A 164 1.73 -0.44 -1.57
N VAL A 165 1.29 0.37 -0.61
CA VAL A 165 1.63 1.79 -0.57
C VAL A 165 2.23 2.14 0.78
N THR A 166 3.41 2.76 0.76
CA THR A 166 4.10 3.16 1.99
C THR A 166 3.83 4.62 2.31
N GLY A 167 4.21 5.01 3.51
CA GLY A 167 4.08 6.38 3.95
C GLY A 167 4.85 6.60 5.23
N SER A 168 5.00 7.88 5.58
CA SER A 168 5.66 8.28 6.82
C SER A 168 4.75 8.15 8.02
N SER A 169 3.46 7.89 7.80
CA SER A 169 2.51 7.56 8.84
C SER A 169 1.39 6.76 8.18
N LEU A 170 0.47 6.23 8.99
CA LEU A 170 -0.66 5.52 8.39
C LEU A 170 -1.56 6.48 7.60
N ARG A 171 -1.80 7.67 8.12
CA ARG A 171 -2.66 8.60 7.38
C ARG A 171 -2.00 9.05 6.09
N GLU A 172 -0.68 9.24 6.10
CA GLU A 172 0.00 9.65 4.88
C GLU A 172 0.03 8.53 3.86
N ALA A 173 0.23 7.28 4.32
CA ALA A 173 0.15 6.15 3.41
C ALA A 173 -1.27 5.98 2.87
N THR A 174 -2.28 6.26 3.69
CA THR A 174 -3.65 6.19 3.21
C THR A 174 -3.92 7.29 2.18
N ASN A 175 -3.41 8.49 2.42
CA ASN A 175 -3.55 9.57 1.45
C ASN A 175 -2.82 9.24 0.15
N ASN A 176 -1.60 8.69 0.26
CA ASN A 176 -0.90 8.23 -0.94
C ASN A 176 -1.70 7.18 -1.68
N THR A 177 -2.29 6.22 -0.95
CA THR A 177 -3.09 5.18 -1.57
C THR A 177 -4.31 5.78 -2.26
N GLU A 178 -4.99 6.71 -1.60
CA GLU A 178 -6.16 7.32 -2.20
C GLU A 178 -5.79 8.13 -3.43
N GLU A 179 -4.65 8.82 -3.39
CA GLU A 179 -4.18 9.54 -4.57
C GLU A 179 -3.86 8.57 -5.70
N LEU A 180 -3.21 7.46 -5.39
CA LEU A 180 -2.88 6.48 -6.42
C LEU A 180 -4.14 5.88 -7.02
N GLU A 181 -5.10 5.50 -6.18
CA GLU A 181 -6.32 4.88 -6.68
C GLU A 181 -7.09 5.84 -7.58
N GLU A 182 -7.16 7.10 -7.16
CA GLU A 182 -7.80 8.14 -7.96
C GLU A 182 -7.10 8.31 -9.31
N THR A 183 -5.77 8.21 -9.32
CA THR A 183 -5.04 8.31 -10.57
C THR A 183 -5.28 7.09 -11.46
N ALA A 184 -5.28 5.90 -10.87
CA ALA A 184 -5.63 4.70 -11.63
C ALA A 184 -7.05 4.80 -12.16
N ARG A 185 -7.97 5.30 -11.34
CA ARG A 185 -9.34 5.46 -11.80
C ARG A 185 -9.42 6.43 -12.98
N LEU A 186 -8.61 7.48 -12.95
CA LEU A 186 -8.62 8.43 -14.05
C LEU A 186 -8.17 7.78 -15.34
N ILE A 187 -7.21 6.84 -15.26
CA ILE A 187 -6.78 6.12 -16.44
C ILE A 187 -7.97 5.45 -17.12
N PHE A 188 -8.76 4.70 -16.35
CA PHE A 188 -9.88 3.99 -16.96
C PHE A 188 -11.00 4.92 -17.36
N THR A 189 -11.15 6.03 -16.65
CA THR A 189 -12.13 7.04 -17.06
C THR A 189 -11.74 7.71 -18.37
N LEU A 190 -10.47 8.08 -18.49
CA LEU A 190 -10.03 8.76 -19.70
C LEU A 190 -10.08 7.81 -20.89
N GLY A 191 -9.80 6.52 -20.67
CA GLY A 191 -9.97 5.54 -21.72
C GLY A 191 -9.07 5.83 -22.90
N ASN A 192 -9.63 5.75 -24.11
CA ASN A 192 -8.85 5.98 -25.31
C ASN A 192 -8.95 7.42 -25.82
N ARG A 193 -9.44 8.35 -25.00
CA ARG A 193 -9.44 9.75 -25.37
C ARG A 193 -8.03 10.30 -25.35
N GLU A 194 -7.79 11.34 -26.15
CA GLU A 194 -6.47 11.94 -26.20
C GLU A 194 -6.20 12.71 -24.92
N ILE A 195 -5.16 12.32 -24.21
CA ILE A 195 -4.83 12.86 -22.89
C ILE A 195 -3.69 13.85 -23.04
N ARG A 196 -3.80 14.98 -22.35
CA ARG A 196 -2.71 15.96 -22.20
C ARG A 196 -1.79 15.46 -21.09
N TYR A 197 -0.88 14.56 -21.44
CA TYR A 197 0.08 14.04 -20.47
C TYR A 197 1.04 15.15 -20.00
N LEU A 198 1.61 14.98 -18.82
CA LEU A 198 2.62 15.91 -18.35
C LEU A 198 3.90 15.71 -19.17
N THR A 199 4.48 16.80 -19.63
CA THR A 199 5.71 16.73 -20.41
C THR A 199 6.84 16.20 -19.54
N ALA A 200 7.95 15.83 -20.19
CA ALA A 200 9.10 15.35 -19.44
C ALA A 200 9.62 16.42 -18.48
N ASP A 201 9.62 17.69 -18.92
CA ASP A 201 10.09 18.75 -18.03
C ASP A 201 9.12 18.99 -16.90
N GLU A 202 7.81 18.87 -17.18
CA GLU A 202 6.82 19.00 -16.13
C GLU A 202 6.93 17.90 -15.07
N VAL A 203 7.43 16.73 -15.44
CA VAL A 203 7.58 15.65 -14.46
C VAL A 203 8.83 15.86 -13.62
N LYS A 204 9.90 16.37 -14.23
CA LYS A 204 11.13 16.61 -13.49
C LYS A 204 10.96 17.74 -12.48
N GLU A 205 10.07 18.70 -12.74
CA GLU A 205 9.84 19.79 -11.81
C GLU A 205 9.30 19.31 -10.47
N LEU A 206 8.70 18.12 -10.42
CA LEU A 206 7.94 17.65 -9.27
C LEU A 206 8.74 16.69 -8.39
N ARG A 207 10.04 16.88 -8.28
CA ARG A 207 10.83 16.06 -7.38
C ARG A 207 11.83 16.89 -6.58
#